data_6NDL
#
_entry.id   6NDL
#
_cell.length_a   94.031
_cell.length_b   94.031
_cell.length_c   130.977
_cell.angle_alpha   90.000
_cell.angle_beta   90.000
_cell.angle_gamma   90.000
#
_symmetry.space_group_name_H-M   'P 42 21 2'
#
loop_
_entity.id
_entity.type
_entity.pdbx_description
1 polymer 'Biotin Protein Ligase'
2 non-polymer GLYCEROL
3 non-polymer 1-[4-(6-aminopurin-9-yl)butylsulfamoyl]-3-[4-[(4~{S})-2-oxidanylidene-1,3,3~{a},4,6,6~{a}-hexahydrothieno[3,4-d]imidazol-4-yl]butyl]urea
4 water water
#
_entity_poly.entity_id   1
_entity_poly.type   'polypeptide(L)'
_entity_poly.pdbx_seq_one_letter_code
;MSKYSQDVLQLLYKNKPNYISGQSIAESLNISRTAVKKVIDQLKLEGCKIDSVNHKGHLLQQLPDIWYQGIIDQYTKSSA
LFDFSEVYDSIDSTQLAAKKSLVGNQSSFFILSDEQTKGRGRFNRHWSSSKGQGLWMSVVLRPNVAFSMISKFNLFIALG
IRDAIQHFSQDEVKVKWPNDIYIDNGKVCGFLTEMVANNDGIEAIICGIGINLTQQLENFDESIRHRATSIQLHDKNKLD
RYQFLERLLQEIEKRYNQFLTLPFSEIREEYIAASNIWNRTLLFTENDKQFKGQAIDLDYDGYLIVRDEAGESHRLISAD
IDFGHHHHHH
;
_entity_poly.pdbx_strand_id   A
#
# COMPACT_ATOMS: atom_id res chain seq x y z
N SER A 2 9.15 10.06 -23.63
CA SER A 2 8.52 10.95 -24.61
C SER A 2 7.23 11.57 -24.07
N LYS A 3 6.81 12.65 -24.75
CA LYS A 3 5.62 13.40 -24.39
C LYS A 3 4.35 12.55 -24.45
N TYR A 4 4.30 11.56 -25.35
CA TYR A 4 3.10 10.77 -25.60
C TYR A 4 3.22 9.33 -25.12
N SER A 5 4.31 8.99 -24.41
CA SER A 5 4.51 7.62 -23.97
C SER A 5 3.36 7.14 -23.08
N GLN A 6 2.94 7.97 -22.13
CA GLN A 6 1.84 7.57 -21.24
C GLN A 6 0.54 7.43 -22.03
N ASP A 7 0.30 8.37 -22.96
CA ASP A 7 -0.91 8.28 -23.78
C ASP A 7 -0.94 7.00 -24.59
N VAL A 8 0.19 6.60 -25.15
CA VAL A 8 0.23 5.37 -25.94
C VAL A 8 0.01 4.16 -25.03
N LEU A 9 0.70 4.14 -23.89
CA LEU A 9 0.52 3.05 -22.93
C LEU A 9 -0.94 2.93 -22.52
N GLN A 10 -1.60 4.06 -22.28
CA GLN A 10 -3.00 3.99 -21.86
C GLN A 10 -3.88 3.40 -22.96
N LEU A 11 -3.66 3.80 -24.22
CA LEU A 11 -4.40 3.20 -25.34
C LEU A 11 -4.19 1.70 -25.40
N LEU A 12 -2.95 1.24 -25.24
CA LEU A 12 -2.69 -0.21 -25.28
C LEU A 12 -3.44 -0.91 -24.17
N TYR A 13 -3.43 -0.33 -22.97
CA TYR A 13 -4.07 -0.94 -21.81
C TYR A 13 -5.58 -1.01 -21.98
N LYS A 14 -6.18 0.10 -22.42
CA LYS A 14 -7.62 0.15 -22.65
C LYS A 14 -8.10 -0.90 -23.66
N ASN A 15 -7.24 -1.29 -24.61
CA ASN A 15 -7.70 -2.12 -25.71
C ASN A 15 -7.46 -3.61 -25.51
N LYS A 16 -6.74 -4.02 -24.47
CA LYS A 16 -6.65 -5.43 -24.15
C LYS A 16 -8.07 -6.02 -24.11
N PRO A 17 -8.27 -7.24 -24.61
CA PRO A 17 -7.26 -8.15 -25.19
C PRO A 17 -7.08 -8.06 -26.70
N ASN A 18 -7.46 -6.94 -27.33
CA ASN A 18 -7.36 -6.83 -28.77
C ASN A 18 -6.12 -6.04 -29.18
N TYR A 19 -5.64 -6.31 -30.39
CA TYR A 19 -4.54 -5.53 -30.97
C TYR A 19 -5.04 -4.20 -31.50
N ILE A 20 -4.21 -3.17 -31.38
CA ILE A 20 -4.52 -1.84 -31.90
C ILE A 20 -3.42 -1.45 -32.88
N SER A 21 -3.81 -0.92 -34.04
CA SER A 21 -2.84 -0.62 -35.08
C SER A 21 -2.06 0.65 -34.76
N GLY A 22 -0.85 0.73 -35.31
CA GLY A 22 -0.08 1.96 -35.22
C GLY A 22 -0.85 3.14 -35.80
N GLN A 23 -1.51 2.93 -36.93
CA GLN A 23 -2.29 4.00 -37.55
CA GLN A 23 -2.30 4.00 -37.55
C GLN A 23 -3.35 4.53 -36.59
N SER A 24 -4.06 3.62 -35.92
CA SER A 24 -5.15 4.03 -35.03
C SER A 24 -4.62 4.79 -33.80
N ILE A 25 -3.47 4.39 -33.27
CA ILE A 25 -2.85 5.17 -32.19
C ILE A 25 -2.46 6.55 -32.70
N ALA A 26 -1.85 6.59 -33.88
CA ALA A 26 -1.42 7.86 -34.49
C ALA A 26 -2.60 8.81 -34.64
N GLU A 27 -3.74 8.30 -35.15
CA GLU A 27 -4.90 9.16 -35.33
C GLU A 27 -5.48 9.60 -33.99
N SER A 28 -5.51 8.68 -33.01
CA SER A 28 -6.07 9.03 -31.70
C SER A 28 -5.30 10.18 -31.06
N LEU A 29 -3.98 10.23 -31.26
CA LEU A 29 -3.14 11.21 -30.59
C LEU A 29 -2.67 12.33 -31.49
N ASN A 30 -3.01 12.28 -32.78
CA ASN A 30 -2.59 13.27 -33.77
C ASN A 30 -1.07 13.41 -33.83
N ILE A 31 -0.40 12.26 -33.98
CA ILE A 31 1.03 12.21 -34.21
C ILE A 31 1.29 11.21 -35.34
N SER A 32 2.54 11.20 -35.81
CA SER A 32 2.89 10.37 -36.95
C SER A 32 2.99 8.89 -36.56
N ARG A 33 2.84 8.04 -37.56
CA ARG A 33 3.12 6.61 -37.41
C ARG A 33 4.54 6.38 -36.90
N THR A 34 5.50 7.16 -37.38
CA THR A 34 6.89 6.91 -37.01
C THR A 34 7.18 7.35 -35.58
N ALA A 35 6.43 8.34 -35.05
CA ALA A 35 6.54 8.67 -33.64
C ALA A 35 5.86 7.62 -32.76
N VAL A 36 4.78 7.00 -33.25
CA VAL A 36 4.16 5.91 -32.50
C VAL A 36 5.15 4.75 -32.35
N LYS A 37 5.78 4.36 -33.46
CA LYS A 37 6.80 3.31 -33.43
C LYS A 37 7.92 3.64 -32.45
N LYS A 38 8.41 4.89 -32.47
CA LYS A 38 9.47 5.28 -31.56
C LYS A 38 9.05 5.16 -30.10
N VAL A 39 7.82 5.57 -29.79
CA VAL A 39 7.32 5.44 -28.42
C VAL A 39 7.26 3.98 -28.01
N ILE A 40 6.83 3.11 -28.93
CA ILE A 40 6.62 1.71 -28.59
C ILE A 40 7.96 0.99 -28.41
N ASP A 41 8.95 1.32 -29.24
CA ASP A 41 10.31 0.81 -29.02
C ASP A 41 10.81 1.18 -27.63
N GLN A 42 10.56 2.42 -27.19
CA GLN A 42 11.05 2.83 -25.87
C GLN A 42 10.30 2.10 -24.76
N LEU A 43 8.98 1.94 -24.90
CA LEU A 43 8.22 1.16 -23.93
C LEU A 43 8.78 -0.26 -23.82
N LYS A 44 9.06 -0.90 -24.96
CA LYS A 44 9.64 -2.24 -24.91
C LYS A 44 11.02 -2.22 -24.27
N LEU A 45 11.79 -1.16 -24.52
CA LEU A 45 13.12 -1.05 -23.92
C LEU A 45 13.03 -0.94 -22.40
N GLU A 46 12.02 -0.25 -21.89
CA GLU A 46 11.81 -0.15 -20.46
C GLU A 46 11.24 -1.43 -19.85
N GLY A 47 10.93 -2.43 -20.67
CA GLY A 47 10.47 -3.70 -20.16
C GLY A 47 8.99 -3.99 -20.35
N CYS A 48 8.27 -3.16 -21.09
CA CYS A 48 6.93 -3.52 -21.52
C CYS A 48 7.01 -4.66 -22.52
N LYS A 49 6.29 -5.74 -22.24
CA LYS A 49 6.12 -6.83 -23.21
C LYS A 49 4.95 -6.48 -24.10
N ILE A 50 5.24 -6.08 -25.33
CA ILE A 50 4.24 -5.66 -26.31
C ILE A 50 4.42 -6.52 -27.54
N ASP A 51 3.40 -7.28 -27.92
CA ASP A 51 3.47 -8.10 -29.12
C ASP A 51 3.04 -7.26 -30.31
N SER A 52 3.90 -7.17 -31.31
CA SER A 52 3.63 -6.40 -32.52
C SER A 52 3.52 -7.37 -33.68
N VAL A 53 2.49 -7.18 -34.51
CA VAL A 53 2.14 -8.12 -35.56
C VAL A 53 1.77 -7.32 -36.81
N ASN A 54 2.44 -7.60 -37.92
CA ASN A 54 2.15 -6.94 -39.19
C ASN A 54 0.67 -7.01 -39.52
N HIS A 55 0.12 -5.90 -40.03
CA HIS A 55 -1.27 -5.74 -40.45
C HIS A 55 -2.26 -5.78 -39.31
N LYS A 56 -1.81 -6.00 -38.08
CA LYS A 56 -2.72 -6.13 -36.96
C LYS A 56 -2.47 -5.07 -35.90
N GLY A 57 -1.22 -4.86 -35.51
CA GLY A 57 -0.87 -3.80 -34.57
C GLY A 57 -0.21 -4.37 -33.32
N HIS A 58 -0.57 -3.77 -32.17
CA HIS A 58 0.17 -3.96 -30.92
C HIS A 58 -0.76 -4.42 -29.81
N LEU A 59 -0.27 -5.37 -29.01
CA LEU A 59 -0.98 -5.88 -27.84
C LEU A 59 -0.04 -5.79 -26.65
N LEU A 60 -0.43 -5.03 -25.63
CA LEU A 60 0.30 -5.02 -24.37
C LEU A 60 0.07 -6.33 -23.62
N GLN A 61 1.14 -7.08 -23.35
CA GLN A 61 1.05 -8.36 -22.65
C GLN A 61 1.47 -8.29 -21.19
N GLN A 62 2.38 -7.39 -20.82
CA GLN A 62 2.91 -7.39 -19.47
C GLN A 62 3.65 -6.08 -19.22
N LEU A 63 3.51 -5.58 -18.05
CA LEU A 63 4.13 -4.34 -17.63
C LEU A 63 5.35 -4.63 -16.76
N PRO A 64 6.35 -3.76 -16.78
CA PRO A 64 7.52 -3.94 -15.92
C PRO A 64 7.24 -3.47 -14.49
N ASP A 65 8.25 -3.64 -13.63
CA ASP A 65 8.14 -3.20 -12.24
C ASP A 65 8.40 -1.70 -12.11
N ILE A 66 7.61 -0.93 -12.88
CA ILE A 66 7.66 0.53 -12.89
C ILE A 66 6.22 1.04 -12.87
N TRP A 67 5.96 2.07 -12.06
CA TRP A 67 4.64 2.68 -12.05
C TRP A 67 4.52 3.66 -13.21
N TYR A 68 3.43 3.55 -13.97
CA TYR A 68 3.16 4.41 -15.12
C TYR A 68 1.87 5.19 -14.86
N GLN A 69 1.97 6.51 -14.94
CA GLN A 69 0.82 7.39 -14.69
C GLN A 69 -0.35 7.04 -15.60
N GLY A 70 -0.08 6.76 -16.88
CA GLY A 70 -1.15 6.50 -17.82
C GLY A 70 -1.95 5.25 -17.48
N ILE A 71 -1.30 4.24 -16.89
CA ILE A 71 -2.02 3.06 -16.44
C ILE A 71 -2.82 3.37 -15.17
N ILE A 72 -2.17 4.01 -14.20
CA ILE A 72 -2.82 4.30 -12.92
C ILE A 72 -4.02 5.21 -13.12
N ASP A 73 -3.97 6.09 -14.13
CA ASP A 73 -5.13 6.92 -14.45
C ASP A 73 -6.36 6.09 -14.72
N GLN A 74 -6.20 4.91 -15.35
CA GLN A 74 -7.36 4.04 -15.54
C GLN A 74 -7.91 3.55 -14.19
N TYR A 75 -7.03 3.30 -13.23
CA TYR A 75 -7.50 2.85 -11.93
C TYR A 75 -8.33 3.93 -11.24
N THR A 76 -7.92 5.20 -11.34
CA THR A 76 -8.68 6.26 -10.66
C THR A 76 -9.93 6.67 -11.45
N LYS A 77 -9.91 6.55 -12.78
CA LYS A 77 -11.06 6.90 -13.58
C LYS A 77 -12.28 6.07 -13.19
N SER A 78 -12.10 4.77 -12.97
CA SER A 78 -13.19 3.89 -12.60
C SER A 78 -13.36 3.75 -11.09
N SER A 79 -12.66 4.54 -10.28
CA SER A 79 -12.78 4.48 -8.83
C SER A 79 -13.88 5.41 -8.33
N ALA A 80 -14.82 4.86 -7.56
CA ALA A 80 -15.79 5.67 -6.84
C ALA A 80 -15.18 6.38 -5.64
N LEU A 81 -13.97 6.00 -5.22
CA LEU A 81 -13.35 6.57 -4.04
C LEU A 81 -12.35 7.67 -4.37
N PHE A 82 -11.43 7.42 -5.29
CA PHE A 82 -10.27 8.28 -5.49
C PHE A 82 -10.49 9.21 -6.68
N ASP A 83 -10.19 10.50 -6.46
CA ASP A 83 -10.33 11.47 -7.54
C ASP A 83 -9.14 11.42 -8.50
N PHE A 84 -7.92 11.25 -7.99
CA PHE A 84 -6.74 11.21 -8.85
C PHE A 84 -5.63 10.51 -8.10
N SER A 85 -4.53 10.25 -8.82
CA SER A 85 -3.27 9.80 -8.22
C SER A 85 -2.12 10.66 -8.73
N GLU A 86 -1.02 10.67 -7.98
CA GLU A 86 0.24 11.18 -8.48
C GLU A 86 1.27 10.06 -8.40
N VAL A 87 2.02 9.87 -9.47
CA VAL A 87 2.93 8.74 -9.63
C VAL A 87 4.32 9.30 -9.90
N TYR A 88 5.32 8.81 -9.18
CA TYR A 88 6.69 9.31 -9.29
C TYR A 88 7.65 8.15 -9.44
N ASP A 89 8.74 8.40 -10.18
CA ASP A 89 9.82 7.44 -10.13
C ASP A 89 10.59 7.56 -8.81
N SER A 90 10.75 8.79 -8.30
CA SER A 90 11.52 8.99 -7.06
C SER A 90 11.07 10.27 -6.38
N ILE A 91 10.90 10.23 -5.05
CA ILE A 91 10.66 11.43 -4.25
C ILE A 91 11.22 11.21 -2.85
N ASP A 92 11.20 12.28 -2.04
CA ASP A 92 11.62 12.13 -0.65
C ASP A 92 10.66 11.20 0.10
N SER A 93 9.35 11.46 0.03
CA SER A 93 8.40 10.59 0.68
C SER A 93 7.01 10.85 0.13
N THR A 94 6.27 9.76 -0.18
CA THR A 94 4.86 9.90 -0.55
C THR A 94 4.02 10.56 0.55
N GLN A 95 4.44 10.42 1.82
CA GLN A 95 3.66 10.95 2.95
C GLN A 95 3.84 12.46 3.07
N LEU A 96 5.08 12.95 2.91
CA LEU A 96 5.33 14.38 2.77
C LEU A 96 4.53 14.96 1.61
N ALA A 97 4.59 14.28 0.46
CA ALA A 97 3.91 14.77 -0.73
C ALA A 97 2.39 14.84 -0.48
N ALA A 98 1.81 13.75 0.05
CA ALA A 98 0.37 13.75 0.35
C ALA A 98 0.01 14.87 1.31
N LYS A 99 0.83 15.09 2.34
CA LYS A 99 0.47 16.12 3.31
C LYS A 99 0.48 17.51 2.68
N LYS A 100 1.35 17.74 1.69
CA LYS A 100 1.34 19.02 0.98
C LYS A 100 0.15 19.10 0.05
N SER A 101 -0.10 18.04 -0.74
CA SER A 101 -1.15 18.04 -1.75
C SER A 101 -2.57 18.09 -1.18
N LEU A 102 -2.77 17.73 0.09
CA LEU A 102 -4.14 17.75 0.60
C LEU A 102 -4.57 19.15 1.00
N VAL A 103 -3.62 20.07 1.19
CA VAL A 103 -3.96 21.38 1.75
C VAL A 103 -4.81 22.16 0.75
N GLY A 104 -5.92 22.71 1.23
CA GLY A 104 -6.75 23.61 0.45
C GLY A 104 -7.77 22.95 -0.45
N ASN A 105 -7.97 21.64 -0.33
CA ASN A 105 -8.99 20.97 -1.14
C ASN A 105 -9.57 19.83 -0.31
N GLN A 106 -10.66 19.26 -0.81
CA GLN A 106 -11.28 18.10 -0.18
C GLN A 106 -11.20 16.85 -1.08
N SER A 107 -10.13 16.75 -1.86
CA SER A 107 -9.95 15.64 -2.79
C SER A 107 -9.47 14.38 -2.06
N SER A 108 -9.91 13.23 -2.55
CA SER A 108 -9.37 11.93 -2.13
C SER A 108 -8.44 11.44 -3.22
N PHE A 109 -7.27 10.96 -2.84
CA PHE A 109 -6.26 10.64 -3.85
C PHE A 109 -5.21 9.74 -3.23
N PHE A 110 -4.33 9.21 -4.06
CA PHE A 110 -3.19 8.49 -3.53
C PHE A 110 -1.95 8.83 -4.33
N ILE A 111 -0.80 8.65 -3.68
CA ILE A 111 0.50 9.00 -4.22
C ILE A 111 1.37 7.76 -4.19
N LEU A 112 1.97 7.43 -5.34
CA LEU A 112 2.84 6.27 -5.51
C LEU A 112 4.22 6.72 -5.97
N SER A 113 5.27 6.11 -5.43
CA SER A 113 6.63 6.35 -5.94
C SER A 113 7.40 5.04 -6.01
N ASP A 114 8.10 4.82 -7.14
CA ASP A 114 8.92 3.61 -7.26
C ASP A 114 9.99 3.56 -6.18
N GLU A 115 10.46 4.72 -5.74
CA GLU A 115 11.55 4.86 -4.79
C GLU A 115 11.24 6.02 -3.86
N GLN A 116 11.64 5.90 -2.58
CA GLN A 116 11.65 7.03 -1.65
C GLN A 116 13.07 7.22 -1.15
N THR A 117 13.53 8.48 -1.14
CA THR A 117 14.85 8.76 -0.57
C THR A 117 14.79 9.12 0.91
N LYS A 118 13.60 9.43 1.43
CA LYS A 118 13.47 9.79 2.83
C LYS A 118 12.22 9.14 3.41
N GLY A 119 12.06 7.85 3.12
CA GLY A 119 10.95 7.12 3.71
C GLY A 119 11.08 7.09 5.23
N ARG A 120 9.96 7.34 5.91
CA ARG A 120 9.90 7.43 7.37
C ARG A 120 8.72 6.62 7.89
N GLY A 121 8.95 5.80 8.91
CA GLY A 121 7.87 5.05 9.56
C GLY A 121 7.41 5.74 10.84
N ARG A 122 7.00 4.93 11.83
CA ARG A 122 6.63 5.49 13.12
C ARG A 122 7.84 6.02 13.84
N PHE A 123 7.61 7.06 14.65
CA PHE A 123 8.66 7.68 15.47
C PHE A 123 9.82 8.17 14.60
N ASN A 124 9.52 8.55 13.35
CA ASN A 124 10.52 9.06 12.41
C ASN A 124 11.60 8.02 12.11
N ARG A 125 11.30 6.73 12.29
CA ARG A 125 12.27 5.70 11.97
C ARG A 125 12.43 5.57 10.45
N HIS A 126 13.64 5.21 10.04
CA HIS A 126 13.94 5.08 8.62
C HIS A 126 13.17 3.90 8.03
N TRP A 127 12.51 4.13 6.90
CA TRP A 127 11.84 3.08 6.16
C TRP A 127 12.53 2.86 4.81
N SER A 128 13.09 1.67 4.63
CA SER A 128 13.85 1.37 3.41
C SER A 128 12.87 1.14 2.25
N SER A 129 13.08 1.88 1.16
CA SER A 129 12.10 1.99 0.07
C SER A 129 12.77 1.71 -1.30
N SER A 130 13.20 0.46 -1.52
CA SER A 130 14.05 0.17 -2.67
C SER A 130 13.31 0.38 -4.00
N LYS A 131 14.02 0.97 -4.97
CA LYS A 131 13.46 1.24 -6.28
C LYS A 131 13.01 -0.06 -6.95
N GLY A 132 11.77 -0.07 -7.43
CA GLY A 132 11.29 -1.22 -8.18
C GLY A 132 11.09 -2.50 -7.40
N GLN A 133 11.04 -2.43 -6.07
CA GLN A 133 10.89 -3.64 -5.26
C GLN A 133 9.73 -3.57 -4.28
N GLY A 134 9.02 -2.45 -4.20
CA GLY A 134 7.96 -2.34 -3.23
C GLY A 134 6.91 -1.33 -3.63
N LEU A 135 5.76 -1.43 -2.95
CA LEU A 135 4.68 -0.47 -3.09
C LEU A 135 4.84 0.56 -1.97
N TRP A 136 5.24 1.78 -2.33
CA TRP A 136 5.43 2.88 -1.41
C TRP A 136 4.36 3.92 -1.75
N MET A 137 3.35 4.05 -0.88
CA MET A 137 2.11 4.73 -1.23
C MET A 137 1.55 5.49 -0.04
N SER A 138 0.95 6.65 -0.30
CA SER A 138 0.19 7.35 0.72
C SER A 138 -1.21 7.60 0.19
N VAL A 139 -2.20 7.33 1.03
CA VAL A 139 -3.60 7.42 0.67
C VAL A 139 -4.23 8.55 1.47
N VAL A 140 -4.95 9.45 0.80
CA VAL A 140 -5.60 10.57 1.48
C VAL A 140 -7.10 10.37 1.36
N LEU A 141 -7.80 10.34 2.49
CA LEU A 141 -9.23 10.12 2.50
C LEU A 141 -9.89 11.20 3.36
N ARG A 142 -11.21 11.34 3.22
CA ARG A 142 -11.96 12.44 3.84
C ARG A 142 -13.16 11.92 4.62
N PRO A 143 -12.94 11.12 5.67
CA PRO A 143 -14.07 10.67 6.48
C PRO A 143 -14.65 11.80 7.32
N ASN A 144 -15.97 11.92 7.31
CA ASN A 144 -16.67 12.93 8.11
C ASN A 144 -16.90 12.36 9.51
N VAL A 145 -15.87 12.40 10.35
CA VAL A 145 -15.90 11.81 11.69
C VAL A 145 -15.03 12.61 12.64
N ALA A 146 -15.21 12.35 13.95
CA ALA A 146 -14.41 12.99 15.00
C ALA A 146 -12.96 12.49 14.96
N PHE A 147 -12.06 13.29 15.55
CA PHE A 147 -10.63 12.96 15.42
C PHE A 147 -10.25 11.72 16.23
N SER A 148 -11.01 11.40 17.28
CA SER A 148 -10.77 10.17 18.03
C SER A 148 -10.99 8.92 17.19
N MET A 149 -11.70 9.02 16.07
CA MET A 149 -11.94 7.88 15.17
C MET A 149 -10.69 7.45 14.42
N ILE A 150 -9.59 8.20 14.50
CA ILE A 150 -8.36 7.78 13.80
C ILE A 150 -7.97 6.35 14.18
N SER A 151 -8.13 5.99 15.48
CA SER A 151 -7.66 4.68 15.94
C SER A 151 -8.41 3.55 15.27
N LYS A 152 -9.73 3.70 15.12
CA LYS A 152 -10.51 2.64 14.49
C LYS A 152 -10.22 2.53 13.00
N PHE A 153 -9.98 3.65 12.32
CA PHE A 153 -9.57 3.58 10.92
C PHE A 153 -8.36 2.67 10.75
N ASN A 154 -7.34 2.91 11.58
CA ASN A 154 -6.14 2.11 11.55
C ASN A 154 -6.42 0.61 11.67
N LEU A 155 -7.41 0.24 12.49
CA LEU A 155 -7.71 -1.19 12.68
C LEU A 155 -8.40 -1.78 11.47
N PHE A 156 -9.36 -1.05 10.89
CA PHE A 156 -10.08 -1.54 9.70
C PHE A 156 -9.14 -1.70 8.52
N ILE A 157 -8.30 -0.69 8.26
CA ILE A 157 -7.45 -0.71 7.07
C ILE A 157 -6.42 -1.83 7.16
N ALA A 158 -5.94 -2.14 8.36
CA ALA A 158 -5.02 -3.27 8.57
C ALA A 158 -5.56 -4.55 7.95
N LEU A 159 -6.85 -4.83 8.15
CA LEU A 159 -7.43 -6.06 7.63
C LEU A 159 -7.53 -6.05 6.11
N GLY A 160 -7.75 -4.89 5.52
CA GLY A 160 -7.80 -4.82 4.06
C GLY A 160 -6.44 -5.09 3.44
N ILE A 161 -5.40 -4.44 3.97
CA ILE A 161 -4.03 -4.70 3.54
C ILE A 161 -3.65 -6.16 3.73
N ARG A 162 -4.02 -6.74 4.87
CA ARG A 162 -3.70 -8.15 5.11
C ARG A 162 -4.40 -9.03 4.08
N ASP A 163 -5.69 -8.79 3.84
CA ASP A 163 -6.43 -9.54 2.82
C ASP A 163 -5.79 -9.43 1.44
N ALA A 164 -5.38 -8.21 1.05
CA ALA A 164 -4.79 -8.04 -0.28
C ALA A 164 -3.49 -8.82 -0.40
N ILE A 165 -2.62 -8.71 0.62
CA ILE A 165 -1.38 -9.48 0.61
C ILE A 165 -1.67 -10.98 0.66
N GLN A 166 -2.63 -11.40 1.48
CA GLN A 166 -2.90 -12.83 1.63
C GLN A 166 -3.31 -13.49 0.32
N HIS A 167 -3.89 -12.71 -0.61
CA HIS A 167 -4.29 -13.30 -1.88
C HIS A 167 -3.09 -13.78 -2.70
N PHE A 168 -1.90 -13.23 -2.44
CA PHE A 168 -0.72 -13.57 -3.21
C PHE A 168 0.30 -14.41 -2.46
N SER A 169 0.09 -14.66 -1.17
CA SER A 169 1.03 -15.44 -0.37
C SER A 169 0.43 -16.80 -0.08
N GLN A 170 1.20 -17.86 -0.39
CA GLN A 170 0.81 -19.21 0.02
C GLN A 170 0.96 -19.42 1.52
N ASP A 171 1.59 -18.48 2.22
CA ASP A 171 1.87 -18.59 3.64
C ASP A 171 1.01 -17.60 4.43
N GLU A 172 0.77 -17.93 5.69
CA GLU A 172 -0.11 -17.13 6.54
C GLU A 172 0.41 -15.71 6.71
N VAL A 173 -0.46 -14.74 6.43
CA VAL A 173 -0.13 -13.35 6.66
CA VAL A 173 -0.17 -13.33 6.62
C VAL A 173 -0.93 -12.86 7.86
N LYS A 174 -0.24 -12.23 8.80
CA LYS A 174 -0.85 -11.82 10.06
C LYS A 174 -0.60 -10.34 10.33
N VAL A 175 -1.46 -9.78 11.17
CA VAL A 175 -1.37 -8.38 11.58
C VAL A 175 -0.72 -8.32 12.95
N LYS A 176 0.26 -7.42 13.11
CA LYS A 176 0.78 -7.05 14.42
C LYS A 176 0.16 -5.71 14.81
N TRP A 177 -0.67 -5.74 15.83
CA TRP A 177 -1.30 -4.52 16.33
C TRP A 177 -0.24 -3.55 16.86
N PRO A 178 -0.35 -2.25 16.56
CA PRO A 178 -1.42 -1.73 15.71
C PRO A 178 -1.02 -1.42 14.27
N ASN A 179 0.21 -1.71 13.79
CA ASN A 179 0.69 -1.04 12.57
C ASN A 179 1.52 -1.84 11.57
N ASP A 180 1.60 -3.16 11.66
CA ASP A 180 2.46 -3.87 10.70
C ASP A 180 1.82 -5.18 10.26
N ILE A 181 2.33 -5.70 9.16
CA ILE A 181 1.89 -6.97 8.58
C ILE A 181 3.09 -7.89 8.43
N TYR A 182 2.89 -9.16 8.77
CA TYR A 182 3.96 -10.14 8.87
C TYR A 182 3.63 -11.38 8.05
N ILE A 183 4.68 -12.02 7.54
CA ILE A 183 4.61 -13.39 7.09
C ILE A 183 5.66 -14.15 7.89
N ASP A 184 5.21 -15.05 8.76
CA ASP A 184 6.08 -15.78 9.72
C ASP A 184 6.78 -14.72 10.57
N ASN A 185 8.10 -14.69 10.62
CA ASN A 185 8.83 -13.68 11.38
C ASN A 185 9.18 -12.45 10.57
N GLY A 186 8.82 -12.41 9.28
CA GLY A 186 9.20 -11.33 8.41
C GLY A 186 8.15 -10.24 8.29
N LYS A 187 8.56 -9.01 8.59
CA LYS A 187 7.71 -7.86 8.35
C LYS A 187 7.62 -7.60 6.84
N VAL A 188 6.42 -7.78 6.28
CA VAL A 188 6.23 -7.54 4.85
C VAL A 188 5.59 -6.19 4.57
N CYS A 189 5.00 -5.54 5.57
CA CYS A 189 4.34 -4.26 5.36
C CYS A 189 4.37 -3.46 6.66
N GLY A 190 4.65 -2.17 6.55
CA GLY A 190 4.40 -1.22 7.62
C GLY A 190 3.45 -0.16 7.12
N PHE A 191 2.49 0.21 7.95
CA PHE A 191 1.58 1.28 7.59
C PHE A 191 1.40 2.18 8.79
N LEU A 192 1.05 3.44 8.55
CA LEU A 192 0.70 4.30 9.67
C LEU A 192 -0.37 5.25 9.18
N THR A 193 -1.24 5.65 10.12
N THR A 193 -1.34 5.57 10.03
CA THR A 193 -2.42 6.45 9.82
CA THR A 193 -2.39 6.49 9.62
C THR A 193 -2.27 7.79 10.53
C THR A 193 -2.29 7.75 10.46
N GLU A 194 -2.35 8.89 9.76
CA GLU A 194 -2.19 10.21 10.34
C GLU A 194 -3.39 11.04 9.95
N MET A 195 -3.54 12.19 10.60
CA MET A 195 -4.69 13.01 10.31
C MET A 195 -4.33 14.48 10.43
N VAL A 196 -5.11 15.28 9.70
CA VAL A 196 -5.24 16.71 9.96
C VAL A 196 -6.62 16.89 10.54
N ALA A 197 -6.71 17.59 11.68
CA ALA A 197 -8.01 17.62 12.37
C ALA A 197 -8.07 18.81 13.30
N ASN A 198 -9.30 19.12 13.73
CA ASN A 198 -9.54 20.01 14.84
C ASN A 198 -10.68 19.41 15.67
N ASN A 199 -11.16 20.19 16.65
CA ASN A 199 -12.21 19.69 17.53
C ASN A 199 -13.54 19.48 16.81
N ASP A 200 -13.75 20.15 15.68
CA ASP A 200 -15.00 19.96 14.94
C ASP A 200 -14.97 18.74 14.04
N GLY A 201 -13.81 18.15 13.78
CA GLY A 201 -13.73 16.92 13.02
C GLY A 201 -12.43 16.80 12.24
N ILE A 202 -12.35 15.70 11.48
CA ILE A 202 -11.17 15.37 10.70
C ILE A 202 -11.21 16.10 9.37
N GLU A 203 -10.08 16.71 9.00
CA GLU A 203 -9.96 17.35 7.70
C GLU A 203 -9.41 16.38 6.65
N ALA A 204 -8.47 15.51 7.03
CA ALA A 204 -7.99 14.44 6.16
C ALA A 204 -7.37 13.31 6.97
N ILE A 205 -7.53 12.10 6.45
CA ILE A 205 -6.71 10.95 6.85
C ILE A 205 -5.60 10.80 5.83
N ILE A 206 -4.37 10.60 6.29
CA ILE A 206 -3.25 10.23 5.42
C ILE A 206 -2.71 8.89 5.89
N CYS A 207 -2.96 7.84 5.13
CA CYS A 207 -2.48 6.50 5.47
C CYS A 207 -1.27 6.17 4.61
N GLY A 208 -0.10 6.05 5.25
CA GLY A 208 1.14 5.72 4.55
C GLY A 208 1.38 4.23 4.60
N ILE A 209 1.54 3.62 3.43
CA ILE A 209 1.54 2.17 3.31
C ILE A 209 2.79 1.73 2.56
N GLY A 210 3.62 0.90 3.20
CA GLY A 210 4.81 0.38 2.56
C GLY A 210 4.78 -1.13 2.54
N ILE A 211 4.83 -1.73 1.34
CA ILE A 211 4.69 -3.17 1.18
C ILE A 211 5.86 -3.68 0.35
N ASN A 212 6.63 -4.60 0.93
CA ASN A 212 7.73 -5.24 0.22
C ASN A 212 7.16 -6.23 -0.79
N LEU A 213 7.39 -5.99 -2.08
CA LEU A 213 6.84 -6.84 -3.14
C LEU A 213 7.84 -7.90 -3.63
N THR A 214 9.02 -7.48 -4.11
CA THR A 214 9.92 -8.42 -4.78
C THR A 214 11.35 -8.46 -4.23
N GLN A 215 11.61 -7.91 -3.05
CA GLN A 215 12.95 -8.05 -2.49
C GLN A 215 13.32 -9.51 -2.33
N GLN A 216 14.55 -9.86 -2.73
CA GLN A 216 15.23 -11.01 -2.18
C GLN A 216 15.87 -10.61 -0.86
N LEU A 217 16.20 -11.61 -0.04
CA LEU A 217 16.75 -11.33 1.29
C LEU A 217 17.99 -10.45 1.23
N GLU A 218 18.82 -10.63 0.19
CA GLU A 218 20.01 -9.81 -0.01
C GLU A 218 19.68 -8.32 -0.17
N ASN A 219 18.45 -7.99 -0.57
CA ASN A 219 18.08 -6.59 -0.78
C ASN A 219 17.64 -5.87 0.49
N PHE A 220 17.68 -6.54 1.65
CA PHE A 220 17.45 -5.89 2.93
C PHE A 220 18.78 -5.74 3.67
N ASP A 221 18.97 -4.60 4.34
CA ASP A 221 20.16 -4.41 5.15
CA ASP A 221 20.16 -4.39 5.15
C ASP A 221 20.28 -5.51 6.18
N GLU A 222 21.52 -5.94 6.44
CA GLU A 222 21.75 -7.06 7.34
C GLU A 222 21.17 -6.82 8.73
N SER A 223 20.92 -5.58 9.11
CA SER A 223 20.34 -5.32 10.43
C SER A 223 18.88 -5.76 10.50
N ILE A 224 18.16 -5.76 9.38
CA ILE A 224 16.75 -6.10 9.35
C ILE A 224 16.43 -7.37 8.56
N ARG A 225 17.44 -8.01 7.96
CA ARG A 225 17.19 -9.15 7.07
C ARG A 225 16.37 -10.24 7.74
N HIS A 226 16.67 -10.55 9.01
CA HIS A 226 15.99 -11.63 9.71
C HIS A 226 14.58 -11.25 10.13
N ARG A 227 14.21 -9.97 10.08
CA ARG A 227 12.90 -9.51 10.51
C ARG A 227 12.11 -8.91 9.36
N ALA A 228 12.52 -9.17 8.11
CA ALA A 228 11.92 -8.57 6.93
C ALA A 228 11.71 -9.63 5.86
N THR A 229 10.68 -9.43 5.04
CA THR A 229 10.35 -10.37 3.98
C THR A 229 9.57 -9.62 2.91
N SER A 230 9.36 -10.28 1.78
CA SER A 230 8.60 -9.72 0.67
C SER A 230 7.53 -10.70 0.24
N ILE A 231 6.52 -10.17 -0.48
CA ILE A 231 5.46 -11.04 -0.99
C ILE A 231 6.05 -12.09 -1.92
N GLN A 232 7.00 -11.70 -2.77
CA GLN A 232 7.57 -12.63 -3.75
C GLN A 232 8.19 -13.84 -3.07
N LEU A 233 8.82 -13.65 -1.91
CA LEU A 233 9.43 -14.78 -1.18
C LEU A 233 8.40 -15.77 -0.66
N HIS A 234 7.12 -15.51 -0.87
CA HIS A 234 6.05 -16.41 -0.44
C HIS A 234 5.04 -16.66 -1.54
N ASP A 235 5.43 -16.47 -2.80
CA ASP A 235 4.54 -16.60 -3.94
C ASP A 235 5.27 -17.39 -5.03
N LYS A 236 4.78 -18.61 -5.32
CA LYS A 236 5.40 -19.42 -6.36
C LYS A 236 5.29 -18.78 -7.73
N ASN A 237 4.37 -17.84 -7.91
CA ASN A 237 4.18 -17.13 -9.16
C ASN A 237 4.80 -15.75 -9.08
N LYS A 238 5.25 -15.24 -10.23
CA LYS A 238 5.70 -13.87 -10.31
C LYS A 238 4.63 -12.95 -9.76
N LEU A 239 5.02 -12.10 -8.83
CA LEU A 239 4.09 -11.11 -8.32
C LEU A 239 4.00 -9.97 -9.32
N ASP A 240 2.83 -9.75 -9.89
CA ASP A 240 2.60 -8.62 -10.78
C ASP A 240 2.09 -7.43 -9.98
N ARG A 241 2.88 -6.35 -9.98
CA ARG A 241 2.59 -5.21 -9.10
C ARG A 241 1.27 -4.52 -9.46
N TYR A 242 0.90 -4.53 -10.73
CA TYR A 242 -0.37 -3.93 -11.14
C TYR A 242 -1.57 -4.75 -10.65
N GLN A 243 -1.53 -6.06 -10.85
CA GLN A 243 -2.55 -6.93 -10.26
C GLN A 243 -2.65 -6.70 -8.76
N PHE A 244 -1.50 -6.60 -8.08
CA PHE A 244 -1.52 -6.43 -6.65
C PHE A 244 -2.14 -5.09 -6.25
N LEU A 245 -1.70 -4.01 -6.88
CA LEU A 245 -2.26 -2.69 -6.55
C LEU A 245 -3.78 -2.67 -6.72
N GLU A 246 -4.28 -3.22 -7.84
CA GLU A 246 -5.72 -3.35 -8.06
C GLU A 246 -6.42 -4.04 -6.90
N ARG A 247 -5.87 -5.17 -6.45
CA ARG A 247 -6.48 -5.88 -5.32
C ARG A 247 -6.39 -5.06 -4.04
N LEU A 248 -5.27 -4.35 -3.85
CA LEU A 248 -5.09 -3.54 -2.65
C LEU A 248 -6.10 -2.39 -2.59
N LEU A 249 -6.33 -1.70 -3.71
CA LEU A 249 -7.30 -0.62 -3.71
CA LEU A 249 -7.29 -0.62 -3.66
C LEU A 249 -8.71 -1.15 -3.47
N GLN A 250 -9.03 -2.29 -4.07
CA GLN A 250 -10.29 -2.98 -3.78
C GLN A 250 -10.48 -3.15 -2.27
N GLU A 251 -9.47 -3.71 -1.59
CA GLU A 251 -9.63 -4.02 -0.17
C GLU A 251 -9.66 -2.76 0.67
N ILE A 252 -8.90 -1.73 0.27
CA ILE A 252 -8.91 -0.46 1.00
C ILE A 252 -10.29 0.16 0.95
N GLU A 253 -10.88 0.18 -0.23
CA GLU A 253 -12.24 0.70 -0.39
C GLU A 253 -13.23 -0.12 0.42
N LYS A 254 -13.12 -1.45 0.37
CA LYS A 254 -14.03 -2.30 1.13
C LYS A 254 -13.95 -2.01 2.61
N ARG A 255 -12.73 -1.90 3.15
CA ARG A 255 -12.56 -1.69 4.58
C ARG A 255 -12.85 -0.25 5.01
N TYR A 256 -12.63 0.71 4.12
CA TYR A 256 -13.00 2.09 4.43
C TYR A 256 -14.52 2.23 4.56
N ASN A 257 -15.27 1.64 3.63
CA ASN A 257 -16.72 1.66 3.75
C ASN A 257 -17.20 0.90 4.98
N GLN A 258 -16.47 -0.13 5.41
CA GLN A 258 -16.80 -0.78 6.67
C GLN A 258 -16.55 0.17 7.84
N PHE A 259 -15.41 0.84 7.82
CA PHE A 259 -15.07 1.83 8.83
C PHE A 259 -16.15 2.90 8.96
N LEU A 260 -16.76 3.33 7.85
CA LEU A 260 -17.77 4.36 7.92
C LEU A 260 -19.11 3.84 8.44
N THR A 261 -19.33 2.53 8.41
CA THR A 261 -20.66 1.98 8.65
C THR A 261 -20.74 0.99 9.81
N LEU A 262 -19.62 0.39 10.24
CA LEU A 262 -19.68 -0.65 11.26
C LEU A 262 -18.93 -0.27 12.53
N PRO A 263 -19.42 -0.67 13.69
CA PRO A 263 -18.60 -0.57 14.91
C PRO A 263 -17.43 -1.54 14.84
N PHE A 264 -16.34 -1.18 15.52
CA PHE A 264 -15.20 -2.10 15.52
C PHE A 264 -15.58 -3.46 16.11
N SER A 265 -16.57 -3.52 17.00
CA SER A 265 -16.96 -4.82 17.58
C SER A 265 -17.41 -5.82 16.52
N GLU A 266 -17.84 -5.34 15.34
CA GLU A 266 -18.28 -6.26 14.29
C GLU A 266 -17.11 -6.88 13.51
N ILE A 267 -15.92 -6.33 13.60
CA ILE A 267 -14.73 -6.94 13.01
C ILE A 267 -13.72 -7.37 14.04
N ARG A 268 -14.03 -7.17 15.33
CA ARG A 268 -13.06 -7.42 16.40
C ARG A 268 -12.62 -8.88 16.43
N GLU A 269 -13.55 -9.80 16.25
CA GLU A 269 -13.18 -11.22 16.25
C GLU A 269 -12.31 -11.56 15.04
N GLU A 270 -12.70 -11.08 13.86
CA GLU A 270 -11.89 -11.27 12.68
C GLU A 270 -10.49 -10.71 12.91
N TYR A 271 -10.39 -9.51 13.48
CA TYR A 271 -9.08 -8.92 13.76
C TYR A 271 -8.29 -9.83 14.68
N ILE A 272 -8.91 -10.31 15.76
CA ILE A 272 -8.18 -11.12 16.73
C ILE A 272 -7.62 -12.38 16.07
N ALA A 273 -8.44 -13.05 15.25
CA ALA A 273 -7.98 -14.28 14.61
C ALA A 273 -6.91 -14.04 13.55
N ALA A 274 -6.74 -12.81 13.08
CA ALA A 274 -5.72 -12.50 12.08
C ALA A 274 -4.44 -11.93 12.69
N SER A 275 -4.36 -11.83 14.01
CA SER A 275 -3.24 -11.18 14.69
CA SER A 275 -3.23 -11.18 14.66
C SER A 275 -2.21 -12.21 15.14
N ASN A 276 -0.95 -11.76 15.25
CA ASN A 276 0.16 -12.62 15.64
C ASN A 276 0.79 -12.19 16.96
N ILE A 277 0.04 -11.45 17.79
CA ILE A 277 0.58 -10.94 19.05
C ILE A 277 0.22 -11.79 20.25
N TRP A 278 -0.51 -12.89 20.08
CA TRP A 278 -1.00 -13.68 21.20
C TRP A 278 0.02 -14.74 21.62
N ASN A 279 -0.09 -15.16 22.89
CA ASN A 279 0.61 -16.33 23.41
C ASN A 279 2.13 -16.23 23.23
N ARG A 280 2.67 -15.05 23.49
CA ARG A 280 4.09 -14.81 23.37
C ARG A 280 4.44 -13.61 24.24
N THR A 281 5.69 -13.57 24.68
CA THR A 281 6.19 -12.42 25.41
C THR A 281 6.44 -11.27 24.43
N LEU A 282 5.90 -10.09 24.77
CA LEU A 282 6.04 -8.89 23.95
C LEU A 282 6.87 -7.85 24.68
N LEU A 283 7.61 -7.06 23.92
CA LEU A 283 8.43 -5.98 24.48
C LEU A 283 7.80 -4.65 24.13
N PHE A 284 7.52 -3.85 25.16
CA PHE A 284 6.89 -2.55 24.96
C PHE A 284 7.90 -1.44 25.22
N THR A 285 7.91 -0.43 24.35
CA THR A 285 8.71 0.78 24.54
C THR A 285 7.77 1.96 24.70
N GLU A 286 8.01 2.76 25.72
CA GLU A 286 7.10 3.83 26.12
C GLU A 286 7.96 5.00 26.58
N ASN A 287 8.27 5.91 25.65
CA ASN A 287 9.20 7.01 25.89
C ASN A 287 10.54 6.39 26.30
N ASP A 288 11.03 6.62 27.51
CA ASP A 288 12.33 6.15 27.95
C ASP A 288 12.29 4.81 28.66
N LYS A 289 11.11 4.21 28.85
CA LYS A 289 10.98 2.98 29.61
C LYS A 289 10.53 1.83 28.70
N GLN A 290 11.06 0.64 28.98
CA GLN A 290 10.66 -0.58 28.30
C GLN A 290 10.21 -1.63 29.31
N PHE A 291 9.18 -2.39 28.95
CA PHE A 291 8.71 -3.47 29.81
C PHE A 291 8.20 -4.61 28.94
N LYS A 292 8.15 -5.80 29.54
CA LYS A 292 7.63 -6.99 28.89
C LYS A 292 6.22 -7.30 29.37
N GLY A 293 5.45 -7.94 28.50
CA GLY A 293 4.09 -8.29 28.88
C GLY A 293 3.46 -9.22 27.87
N GLN A 294 2.22 -9.60 28.16
CA GLN A 294 1.44 -10.47 27.29
C GLN A 294 0.15 -9.78 26.88
N ALA A 295 -0.20 -9.93 25.61
CA ALA A 295 -1.46 -9.40 25.11
C ALA A 295 -2.60 -10.32 25.56
N ILE A 296 -3.52 -9.77 26.34
CA ILE A 296 -4.61 -10.56 26.87
C ILE A 296 -5.84 -10.51 25.97
N ASP A 297 -6.14 -9.33 25.42
CA ASP A 297 -7.38 -9.15 24.67
C ASP A 297 -7.30 -7.86 23.89
N LEU A 298 -8.19 -7.73 22.92
CA LEU A 298 -8.45 -6.50 22.19
C LEU A 298 -9.91 -6.17 22.41
N ASP A 299 -10.20 -5.00 23.01
CA ASP A 299 -11.56 -4.77 23.46
C ASP A 299 -12.41 -4.16 22.34
N TYR A 300 -13.67 -3.85 22.68
N TYR A 300 -13.67 -3.85 22.70
CA TYR A 300 -14.63 -3.37 21.68
CA TYR A 300 -14.65 -3.34 21.75
C TYR A 300 -14.21 -2.03 21.08
C TYR A 300 -14.18 -2.06 21.08
N ASP A 301 -13.33 -1.29 21.75
CA ASP A 301 -12.85 -0.02 21.24
C ASP A 301 -11.52 -0.12 20.50
N GLY A 302 -10.97 -1.31 20.33
CA GLY A 302 -9.68 -1.44 19.67
C GLY A 302 -8.46 -1.22 20.55
N TYR A 303 -8.66 -1.14 21.88
CA TYR A 303 -7.56 -1.03 22.83
C TYR A 303 -6.98 -2.41 23.16
N LEU A 304 -5.65 -2.48 23.23
CA LEU A 304 -5.01 -3.72 23.64
C LEU A 304 -5.01 -3.82 25.16
N ILE A 305 -5.49 -4.94 25.68
CA ILE A 305 -5.41 -5.26 27.11
C ILE A 305 -4.14 -6.05 27.36
N VAL A 306 -3.25 -5.50 28.18
CA VAL A 306 -1.94 -6.07 28.41
C VAL A 306 -1.78 -6.37 29.89
N ARG A 307 -1.27 -7.57 30.20
CA ARG A 307 -0.77 -7.89 31.53
C ARG A 307 0.75 -7.91 31.48
N ASP A 308 1.38 -6.99 32.20
CA ASP A 308 2.83 -6.88 32.12
C ASP A 308 3.52 -7.90 33.03
N GLU A 309 4.85 -7.85 33.00
CA GLU A 309 5.70 -8.76 33.75
C GLU A 309 5.41 -8.74 35.24
N ALA A 310 5.06 -7.57 35.77
CA ALA A 310 4.78 -7.42 37.20
C ALA A 310 3.35 -7.81 37.57
N GLY A 311 2.58 -8.30 36.60
CA GLY A 311 1.20 -8.67 36.84
C GLY A 311 0.19 -7.55 36.75
N GLU A 312 0.60 -6.35 36.30
CA GLU A 312 -0.31 -5.22 36.21
C GLU A 312 -0.96 -5.16 34.84
N SER A 313 -2.25 -4.84 34.82
CA SER A 313 -3.00 -4.75 33.58
C SER A 313 -2.93 -3.34 33.00
N HIS A 314 -2.89 -3.26 31.66
CA HIS A 314 -2.87 -2.01 30.92
C HIS A 314 -3.90 -2.05 29.80
N ARG A 315 -4.44 -0.88 29.45
CA ARG A 315 -5.38 -0.72 28.35
C ARG A 315 -4.84 0.36 27.42
N LEU A 316 -4.41 -0.03 26.22
CA LEU A 316 -3.54 0.80 25.40
C LEU A 316 -4.21 1.12 24.06
N ILE A 317 -4.32 2.42 23.75
CA ILE A 317 -4.79 2.83 22.43
C ILE A 317 -3.76 2.49 21.36
N SER A 318 -2.48 2.50 21.73
CA SER A 318 -1.39 2.27 20.81
C SER A 318 -0.17 1.84 21.62
N ALA A 319 0.78 1.21 20.95
CA ALA A 319 1.99 0.77 21.62
C ALA A 319 3.09 0.60 20.58
N ASP A 320 4.33 0.56 21.07
CA ASP A 320 5.52 0.26 20.28
C ASP A 320 6.01 -1.13 20.70
N ILE A 321 5.65 -2.15 19.92
CA ILE A 321 5.79 -3.56 20.30
C ILE A 321 6.88 -4.22 19.48
N ASP A 322 7.74 -5.00 20.15
CA ASP A 322 8.73 -5.85 19.49
C ASP A 322 8.60 -7.29 19.99
N PHE A 323 8.92 -8.24 19.11
CA PHE A 323 8.78 -9.66 19.44
C PHE A 323 9.99 -10.19 20.23
N GLY A 324 11.13 -10.34 19.57
CA GLY A 324 12.30 -10.94 20.18
C GLY A 324 12.77 -12.22 19.52
#